data_4AW1
#
_entry.id   4AW1
#
_cell.length_a   145.650
_cell.length_b   42.670
_cell.length_c   46.330
_cell.angle_alpha   90.00
_cell.angle_beta   98.52
_cell.angle_gamma   90.00
#
_symmetry.space_group_name_H-M   'C 1 2 1'
#
loop_
_entity.id
_entity.type
_entity.pdbx_description
1 polymer '3-PHOSPHOINOSITIDE-DEPENDENT PROTEIN KINASE 1'
2 non-polymer "ADENOSINE-5'-TRIPHOSPHATE"
3 non-polymer '{(1R)-3-oxo-1-phenyl-3-[4-(trifluoromethyl)phenyl]propyl}propanedioic acid'
4 non-polymer 'DIMETHYL SULFOXIDE'
5 non-polymer 'MANGANESE (II) ION'
6 non-polymer 'SODIUM ION'
7 non-polymer 'CHLORIDE ION'
8 water water
#
_entity_poly.entity_id   1
_entity_poly.type   'polypeptide(L)'
_entity_poly.pdbx_seq_one_letter_code
;GAMDGTAAEPRPGAGSLQHAQPPPQPRKKRPEDFKFGKILGEGSFSTVVLARELATSREYAIKILEKRHIIKENKVPYVT
RERDVMSRLDHPFFVKLYFTFQDDEKLYFGLSYAKNGELLKYIRKIGSFDETCTRFYTAEIVSALEYLHGKGIIHRDLKP
ENILLNEDMHIQITDFGTAKVLSPESKQARAN(SEP)FVGTAQYVSPELLTEKSACKSSDLWALGCIIYQLVAGLPPFRA
GNEGLIFAKIIKLEYDFPEKFFPKARDLVEKLLVLDATKRLGCEEMEGYGPLKAHPFFESVTWENLHQQTPPKLT
;
_entity_poly.pdbx_strand_id   A
#
# COMPACT_ATOMS: atom_id res chain seq x y z
N GLN A 18 -23.36 -29.52 3.95
CA GLN A 18 -22.55 -30.56 4.57
C GLN A 18 -21.07 -30.18 4.56
N HIS A 19 -20.41 -30.34 5.70
CA HIS A 19 -19.01 -29.95 5.83
C HIS A 19 -18.14 -31.17 6.12
N ALA A 20 -17.15 -31.40 5.27
CA ALA A 20 -16.18 -32.47 5.49
C ALA A 20 -15.15 -31.99 6.51
N GLN A 21 -14.25 -32.87 6.91
CA GLN A 21 -13.09 -32.46 7.68
C GLN A 21 -12.36 -31.38 6.88
N PRO A 22 -11.54 -30.57 7.56
CA PRO A 22 -10.73 -29.58 6.84
C PRO A 22 -9.76 -30.25 5.87
N PRO A 23 -9.37 -29.55 4.79
CA PRO A 23 -8.48 -30.09 3.75
C PRO A 23 -7.06 -30.34 4.25
N PRO A 24 -6.45 -31.47 3.84
N ARG A 27 1.81 -29.37 4.88
CA ARG A 27 3.25 -29.51 4.69
C ARG A 27 3.94 -28.15 4.67
N LYS A 28 4.53 -27.77 5.81
CA LYS A 28 5.25 -26.52 5.89
C LYS A 28 6.56 -26.60 5.10
N LYS A 29 6.89 -25.54 4.38
CA LYS A 29 8.18 -25.48 3.70
C LYS A 29 9.29 -25.18 4.69
N ARG A 30 10.53 -25.29 4.22
CA ARG A 30 11.71 -25.10 5.05
C ARG A 30 12.72 -24.29 4.25
N PRO A 31 13.64 -23.60 4.94
CA PRO A 31 14.61 -22.79 4.19
C PRO A 31 15.36 -23.59 3.12
N GLU A 32 15.61 -24.86 3.37
CA GLU A 32 16.41 -25.68 2.46
C GLU A 32 15.66 -26.01 1.18
N ASP A 33 14.35 -25.74 1.15
CA ASP A 33 13.54 -26.01 -0.03
C ASP A 33 13.78 -24.95 -1.11
N PHE A 34 14.57 -23.93 -0.78
CA PHE A 34 14.81 -22.80 -1.68
C PHE A 34 16.28 -22.54 -1.96
N LYS A 35 16.53 -21.94 -3.12
CA LYS A 35 17.80 -21.30 -3.39
C LYS A 35 17.56 -19.80 -3.27
N PHE A 36 18.32 -19.16 -2.40
CA PHE A 36 18.14 -17.74 -2.17
C PHE A 36 19.06 -16.91 -3.05
N GLY A 37 18.57 -15.77 -3.48
CA GLY A 37 19.32 -14.86 -4.32
C GLY A 37 19.46 -13.49 -3.67
N LYS A 38 19.28 -12.47 -4.49
CA LYS A 38 19.54 -11.10 -4.07
C LYS A 38 18.55 -10.59 -3.04
N ILE A 39 19.02 -9.64 -2.24
CA ILE A 39 18.14 -8.88 -1.38
C ILE A 39 17.34 -7.92 -2.27
N LEU A 40 16.01 -8.02 -2.16
CA LEU A 40 15.10 -7.15 -2.90
C LEU A 40 14.84 -5.85 -2.16
N GLY A 41 14.90 -5.88 -0.84
CA GLY A 41 14.69 -4.71 -0.03
C GLY A 41 14.83 -5.02 1.44
N GLU A 42 14.77 -3.99 2.25
CA GLU A 42 14.94 -4.13 3.68
C GLU A 42 13.99 -3.17 4.37
N GLY A 43 13.55 -3.56 5.56
CA GLY A 43 12.80 -2.68 6.42
C GLY A 43 13.47 -2.63 7.77
N SER A 44 12.82 -2.01 8.74
CA SER A 44 13.38 -1.92 10.08
C SER A 44 13.65 -3.31 10.67
N PHE A 45 12.70 -4.22 10.47
CA PHE A 45 12.77 -5.56 11.05
C PHE A 45 12.85 -6.68 10.03
N SER A 46 12.91 -6.34 8.76
CA SER A 46 12.79 -7.38 7.77
C SER A 46 13.85 -7.25 6.71
N THR A 47 14.16 -8.38 6.10
CA THR A 47 14.95 -8.42 4.89
C THR A 47 14.12 -9.24 3.92
N VAL A 48 13.94 -8.73 2.71
CA VAL A 48 13.20 -9.44 1.70
C VAL A 48 14.17 -9.96 0.66
N VAL A 49 14.13 -11.26 0.43
CA VAL A 49 15.10 -11.92 -0.44
CA VAL A 49 15.10 -11.90 -0.46
C VAL A 49 14.40 -12.65 -1.59
N LEU A 50 14.97 -12.57 -2.78
CA LEU A 50 14.44 -13.33 -3.89
C LEU A 50 14.83 -14.78 -3.67
N ALA A 51 13.90 -15.69 -3.92
CA ALA A 51 14.16 -17.11 -3.70
C ALA A 51 13.52 -17.92 -4.80
N ARG A 52 14.15 -19.02 -5.16
CA ARG A 52 13.55 -20.00 -6.07
C ARG A 52 13.28 -21.30 -5.32
N GLU A 53 12.04 -21.75 -5.35
CA GLU A 53 11.67 -23.02 -4.75
C GLU A 53 12.22 -24.14 -5.65
N LEU A 54 13.02 -25.03 -5.08
CA LEU A 54 13.68 -26.06 -5.87
C LEU A 54 12.69 -27.02 -6.54
N ALA A 55 11.63 -27.36 -5.82
CA ALA A 55 10.70 -28.38 -6.32
C ALA A 55 9.80 -27.87 -7.43
N THR A 56 9.67 -26.54 -7.55
CA THR A 56 8.72 -25.98 -8.52
C THR A 56 9.35 -24.98 -9.47
N SER A 57 10.56 -24.54 -9.15
CA SER A 57 11.27 -23.42 -9.83
C SER A 57 10.54 -22.08 -9.79
N ARG A 58 9.50 -21.95 -8.96
CA ARG A 58 8.81 -20.67 -8.83
C ARG A 58 9.67 -19.73 -8.04
N GLU A 59 9.67 -18.46 -8.46
CA GLU A 59 10.32 -17.40 -7.71
C GLU A 59 9.33 -16.76 -6.75
N TYR A 60 9.84 -16.50 -5.55
CA TYR A 60 9.09 -15.81 -4.53
C TYR A 60 9.92 -14.69 -3.95
N ALA A 61 9.26 -13.66 -3.43
CA ALA A 61 9.93 -12.73 -2.52
C ALA A 61 9.68 -13.25 -1.11
N ILE A 62 10.73 -13.63 -0.41
CA ILE A 62 10.56 -14.12 0.95
C ILE A 62 10.97 -13.04 1.95
N LYS A 63 9.98 -12.58 2.72
CA LYS A 63 10.21 -11.59 3.76
C LYS A 63 10.62 -12.32 5.02
N ILE A 64 11.79 -11.97 5.54
CA ILE A 64 12.37 -12.69 6.65
C ILE A 64 12.58 -11.78 7.84
N LEU A 65 12.11 -12.24 8.99
CA LEU A 65 12.26 -11.49 10.24
C LEU A 65 13.08 -12.30 11.24
N GLU A 66 13.93 -11.62 12.01
CA GLU A 66 14.68 -12.27 13.07
C GLU A 66 13.81 -12.29 14.32
N LYS A 67 13.50 -13.48 14.81
CA LYS A 67 12.71 -13.60 16.04
C LYS A 67 13.29 -12.78 17.21
N ARG A 68 14.59 -12.84 17.44
CA ARG A 68 15.21 -12.12 18.55
C ARG A 68 14.86 -10.63 18.50
N HIS A 69 14.87 -10.09 17.29
CA HIS A 69 14.65 -8.67 17.07
C HIS A 69 13.17 -8.33 17.25
N ILE A 70 12.32 -9.23 16.80
CA ILE A 70 10.88 -9.07 16.93
C ILE A 70 10.48 -9.11 18.41
N ILE A 71 11.11 -10.01 19.15
CA ILE A 71 10.77 -10.13 20.56
C ILE A 71 11.25 -8.91 21.35
N LYS A 72 12.50 -8.54 21.15
CA LYS A 72 13.07 -7.38 21.86
C LYS A 72 12.25 -6.11 21.66
N GLU A 73 11.72 -5.91 20.45
CA GLU A 73 11.01 -4.68 20.15
C GLU A 73 9.49 -4.83 20.25
N ASN A 74 9.03 -5.91 20.87
CA ASN A 74 7.61 -6.07 21.20
C ASN A 74 6.73 -6.06 19.97
N LYS A 75 7.17 -6.74 18.91
CA LYS A 75 6.45 -6.74 17.65
C LYS A 75 5.75 -8.08 17.37
N VAL A 76 5.71 -8.97 18.35
CA VAL A 76 5.18 -10.31 18.11
C VAL A 76 3.77 -10.27 17.50
N PRO A 77 2.86 -9.44 18.06
CA PRO A 77 1.50 -9.40 17.54
C PRO A 77 1.38 -9.00 16.07
N TYR A 78 2.31 -8.18 15.58
CA TYR A 78 2.22 -7.63 14.23
C TYR A 78 2.70 -8.62 13.18
N VAL A 79 3.48 -9.61 13.60
CA VAL A 79 3.84 -10.72 12.73
C VAL A 79 2.63 -11.58 12.40
N THR A 80 1.92 -12.00 13.43
CA THR A 80 0.74 -12.84 13.26
CA THR A 80 0.74 -12.84 13.26
C THR A 80 -0.34 -12.06 12.50
N ARG A 81 -0.44 -10.77 12.81
CA ARG A 81 -1.45 -9.95 12.16
CA ARG A 81 -1.43 -9.92 12.17
C ARG A 81 -1.16 -9.82 10.67
N GLU A 82 0.11 -9.65 10.31
CA GLU A 82 0.47 -9.55 8.90
C GLU A 82 0.06 -10.83 8.17
N ARG A 83 0.35 -11.99 8.75
CA ARG A 83 -0.02 -13.25 8.12
C ARG A 83 -1.53 -13.36 7.96
N ASP A 84 -2.26 -13.05 9.03
CA ASP A 84 -3.70 -13.25 9.03
C ASP A 84 -4.41 -12.28 8.08
N VAL A 85 -3.96 -11.03 8.04
CA VAL A 85 -4.53 -10.08 7.09
C VAL A 85 -4.29 -10.53 5.66
N MET A 86 -3.04 -10.90 5.34
CA MET A 86 -2.73 -11.26 3.96
C MET A 86 -3.43 -12.55 3.53
N SER A 87 -3.67 -13.45 4.48
CA SER A 87 -4.34 -14.70 4.17
CA SER A 87 -4.35 -14.71 4.18
C SER A 87 -5.76 -14.46 3.64
N ARG A 88 -6.31 -13.28 3.93
CA ARG A 88 -7.66 -12.93 3.52
C ARG A 88 -7.74 -12.35 2.11
N LEU A 89 -6.58 -11.98 1.55
CA LEU A 89 -6.55 -11.19 0.32
C LEU A 89 -6.28 -12.06 -0.91
N ASP A 90 -7.09 -11.87 -1.96
CA ASP A 90 -6.93 -12.59 -3.22
C ASP A 90 -7.33 -11.72 -4.42
N HIS A 91 -6.80 -10.51 -4.45
CA HIS A 91 -7.12 -9.52 -5.47
C HIS A 91 -5.86 -9.27 -6.34
N PRO A 92 -6.05 -9.06 -7.65
CA PRO A 92 -4.96 -8.90 -8.62
C PRO A 92 -3.91 -7.83 -8.25
N PHE A 93 -4.30 -6.81 -7.51
CA PHE A 93 -3.45 -5.65 -7.18
C PHE A 93 -2.82 -5.73 -5.80
N PHE A 94 -2.82 -6.92 -5.19
CA PHE A 94 -2.17 -7.10 -3.90
C PHE A 94 -1.13 -8.19 -4.01
N VAL A 95 -0.01 -8.00 -3.34
CA VAL A 95 0.97 -9.06 -3.21
C VAL A 95 0.24 -10.22 -2.54
N LYS A 96 0.52 -11.45 -2.96
CA LYS A 96 -0.12 -12.64 -2.40
C LYS A 96 0.80 -13.31 -1.41
N LEU A 97 0.24 -13.77 -0.30
CA LEU A 97 0.95 -14.62 0.63
C LEU A 97 0.66 -16.07 0.26
N TYR A 98 1.69 -16.80 -0.15
CA TYR A 98 1.55 -18.21 -0.50
C TYR A 98 1.79 -19.17 0.65
N PHE A 99 2.71 -18.81 1.54
CA PHE A 99 3.06 -19.71 2.64
C PHE A 99 3.81 -18.95 3.73
N THR A 100 3.84 -19.55 4.92
CA THR A 100 4.66 -19.04 6.02
C THR A 100 5.37 -20.23 6.64
N PHE A 101 6.54 -19.98 7.21
CA PHE A 101 7.20 -20.99 8.00
C PHE A 101 8.21 -20.34 8.91
N GLN A 102 8.78 -21.11 9.83
CA GLN A 102 9.78 -20.58 10.74
C GLN A 102 10.87 -21.61 10.95
N ASP A 103 12.00 -21.15 11.50
CA ASP A 103 12.98 -22.05 12.07
C ASP A 103 13.32 -21.51 13.44
N ASP A 104 14.43 -21.95 14.03
CA ASP A 104 14.76 -21.56 15.39
C ASP A 104 14.97 -20.06 15.53
N GLU A 105 15.43 -19.41 14.46
CA GLU A 105 15.89 -18.03 14.56
C GLU A 105 15.05 -17.04 13.74
N LYS A 106 14.29 -17.56 12.77
CA LYS A 106 13.66 -16.68 11.78
C LYS A 106 12.20 -17.01 11.44
N LEU A 107 11.52 -15.99 10.96
CA LEU A 107 10.15 -16.08 10.47
C LEU A 107 10.19 -15.75 8.99
N TYR A 108 9.49 -16.54 8.17
CA TYR A 108 9.53 -16.41 6.71
C TYR A 108 8.13 -16.27 6.14
N PHE A 109 7.91 -15.23 5.33
CA PHE A 109 6.68 -15.06 4.57
C PHE A 109 6.99 -15.29 3.09
N GLY A 110 6.31 -16.24 2.46
CA GLY A 110 6.51 -16.46 1.04
C GLY A 110 5.51 -15.62 0.25
N LEU A 111 6.02 -14.59 -0.44
CA LEU A 111 5.18 -13.64 -1.15
C LEU A 111 5.37 -13.74 -2.65
N SER A 112 4.38 -13.28 -3.40
CA SER A 112 4.56 -13.16 -4.82
C SER A 112 5.67 -12.16 -5.08
N TYR A 113 6.48 -12.44 -6.08
CA TYR A 113 7.60 -11.59 -6.43
C TYR A 113 7.16 -10.48 -7.38
N ALA A 114 7.26 -9.24 -6.93
CA ALA A 114 6.92 -8.11 -7.79
C ALA A 114 8.21 -7.64 -8.46
N LYS A 115 8.42 -8.14 -9.67
CA LYS A 115 9.72 -8.07 -10.34
C LYS A 115 10.20 -6.64 -10.62
N ASN A 116 9.28 -5.70 -10.74
CA ASN A 116 9.66 -4.34 -11.10
C ASN A 116 9.79 -3.37 -9.91
N GLY A 117 9.66 -3.89 -8.70
CA GLY A 117 10.02 -3.14 -7.51
C GLY A 117 9.06 -2.03 -7.13
N GLU A 118 9.54 -1.06 -6.38
CA GLU A 118 8.70 0.00 -5.83
C GLU A 118 8.28 1.06 -6.84
N LEU A 119 7.02 1.48 -6.75
CA LEU A 119 6.54 2.62 -7.54
C LEU A 119 7.44 3.84 -7.29
N LEU A 120 7.90 3.98 -6.05
CA LEU A 120 8.75 5.11 -5.65
C LEU A 120 10.00 5.22 -6.54
N LYS A 121 10.56 4.07 -6.93
CA LYS A 121 11.74 4.03 -7.79
C LYS A 121 11.51 4.81 -9.08
N TYR A 122 10.31 4.66 -9.65
CA TYR A 122 10.00 5.30 -10.92
C TYR A 122 9.71 6.78 -10.75
N ILE A 123 9.08 7.15 -9.65
CA ILE A 123 8.85 8.57 -9.38
C ILE A 123 10.19 9.28 -9.24
N ARG A 124 11.10 8.65 -8.51
CA ARG A 124 12.44 9.23 -8.28
C ARG A 124 13.17 9.46 -9.60
N LYS A 125 13.18 8.45 -10.45
CA LYS A 125 13.94 8.51 -11.69
C LYS A 125 13.33 9.45 -12.72
N ILE A 126 12.00 9.38 -12.85
CA ILE A 126 11.27 10.16 -13.85
C ILE A 126 10.83 11.51 -13.33
N GLY A 127 10.60 11.60 -12.02
CA GLY A 127 10.29 12.85 -11.38
C GLY A 127 8.81 13.14 -11.30
N SER A 128 8.09 12.80 -12.36
CA SER A 128 6.68 13.15 -12.46
C SER A 128 6.04 12.25 -13.54
N PHE A 129 4.84 11.75 -13.28
CA PHE A 129 4.16 10.91 -14.26
C PHE A 129 3.29 11.77 -15.17
N ASP A 130 3.16 11.39 -16.43
CA ASP A 130 2.26 12.12 -17.32
C ASP A 130 0.81 11.81 -16.94
N GLU A 131 -0.14 12.55 -17.51
CA GLU A 131 -1.53 12.45 -17.06
C GLU A 131 -2.09 11.05 -17.28
N THR A 132 -1.79 10.42 -18.41
CA THR A 132 -2.30 9.08 -18.66
C THR A 132 -1.79 8.08 -17.61
N CYS A 133 -0.50 8.15 -17.30
CA CYS A 133 0.09 7.26 -16.32
C CYS A 133 -0.45 7.53 -14.92
N THR A 134 -0.58 8.81 -14.57
CA THR A 134 -1.14 9.17 -13.27
C THR A 134 -2.58 8.62 -13.12
N ARG A 135 -3.38 8.78 -14.16
CA ARG A 135 -4.77 8.33 -14.14
C ARG A 135 -4.83 6.82 -13.99
N PHE A 136 -4.04 6.12 -14.79
CA PHE A 136 -4.04 4.67 -14.74
C PHE A 136 -3.61 4.10 -13.39
N TYR A 137 -2.47 4.54 -12.88
CA TYR A 137 -1.99 4.00 -11.61
C TYR A 137 -2.86 4.46 -10.45
N THR A 138 -3.40 5.67 -10.51
CA THR A 138 -4.36 6.08 -9.47
C THR A 138 -5.60 5.16 -9.47
N ALA A 139 -6.11 4.85 -10.67
CA ALA A 139 -7.27 3.97 -10.79
C ALA A 139 -6.97 2.61 -10.19
N GLU A 140 -5.79 2.05 -10.47
CA GLU A 140 -5.47 0.73 -9.90
C GLU A 140 -5.43 0.81 -8.39
N ILE A 141 -4.88 1.90 -7.84
CA ILE A 141 -4.83 2.03 -6.39
C ILE A 141 -6.25 2.14 -5.81
N VAL A 142 -7.11 2.94 -6.45
CA VAL A 142 -8.49 3.09 -6.05
C VAL A 142 -9.21 1.74 -6.03
N SER A 143 -9.02 1.00 -7.11
CA SER A 143 -9.61 -0.33 -7.22
CA SER A 143 -9.59 -0.34 -7.23
C SER A 143 -9.15 -1.24 -6.08
N ALA A 144 -7.85 -1.21 -5.79
CA ALA A 144 -7.29 -1.99 -4.69
C ALA A 144 -7.90 -1.58 -3.35
N LEU A 145 -7.99 -0.28 -3.11
CA LEU A 145 -8.55 0.19 -1.83
C LEU A 145 -10.03 -0.16 -1.68
N GLU A 146 -10.78 -0.08 -2.77
CA GLU A 146 -12.20 -0.45 -2.72
C GLU A 146 -12.34 -1.88 -2.21
N TYR A 147 -11.48 -2.77 -2.72
CA TYR A 147 -11.50 -4.16 -2.31
C TYR A 147 -11.09 -4.33 -0.85
N LEU A 148 -10.01 -3.66 -0.47
CA LEU A 148 -9.50 -3.78 0.87
C LEU A 148 -10.53 -3.26 1.86
N HIS A 149 -11.05 -2.08 1.59
CA HIS A 149 -12.03 -1.50 2.51
C HIS A 149 -13.33 -2.31 2.55
N GLY A 150 -13.67 -2.93 1.43
CA GLY A 150 -14.84 -3.79 1.36
C GLY A 150 -14.71 -4.97 2.29
N LYS A 151 -13.48 -5.38 2.58
CA LYS A 151 -13.21 -6.47 3.50
C LYS A 151 -13.06 -5.97 4.95
N GLY A 152 -13.17 -4.66 5.14
CA GLY A 152 -13.13 -4.09 6.47
C GLY A 152 -11.72 -3.99 7.01
N ILE A 153 -10.77 -3.89 6.10
CA ILE A 153 -9.36 -3.77 6.45
C ILE A 153 -8.81 -2.39 6.09
N ILE A 154 -8.08 -1.77 7.01
CA ILE A 154 -7.38 -0.55 6.65
CA ILE A 154 -7.37 -0.51 6.77
C ILE A 154 -5.88 -0.81 6.59
N HIS A 155 -5.24 -0.16 5.63
CA HIS A 155 -3.82 -0.41 5.40
C HIS A 155 -2.95 0.38 6.39
N ARG A 156 -3.17 1.69 6.44
CA ARG A 156 -2.51 2.63 7.37
C ARG A 156 -1.07 3.07 7.01
N ASP A 157 -0.45 2.38 6.06
CA ASP A 157 0.87 2.78 5.57
C ASP A 157 0.93 2.76 4.03
N LEU A 158 -0.10 3.29 3.40
CA LEU A 158 -0.14 3.40 1.95
C LEU A 158 0.78 4.50 1.48
N LYS A 159 1.70 4.14 0.60
CA LYS A 159 2.73 5.08 0.14
C LYS A 159 3.45 4.40 -1.02
N PRO A 160 4.12 5.17 -1.87
CA PRO A 160 4.73 4.56 -3.04
C PRO A 160 5.76 3.45 -2.74
N GLU A 161 6.45 3.51 -1.62
CA GLU A 161 7.38 2.47 -1.21
C GLU A 161 6.71 1.11 -0.95
N ASN A 162 5.41 1.13 -0.69
CA ASN A 162 4.65 -0.08 -0.41
C ASN A 162 3.73 -0.47 -1.56
N ILE A 163 3.87 0.21 -2.69
CA ILE A 163 3.13 -0.13 -3.89
C ILE A 163 4.15 -0.62 -4.89
N LEU A 164 4.19 -1.93 -5.10
CA LEU A 164 5.18 -2.53 -5.97
C LEU A 164 4.61 -2.74 -7.36
N LEU A 165 5.46 -3.17 -8.29
CA LEU A 165 5.03 -3.37 -9.68
C LEU A 165 5.45 -4.74 -10.13
N ASN A 166 4.52 -5.49 -10.72
CA ASN A 166 4.83 -6.83 -11.21
C ASN A 166 5.43 -6.77 -12.61
N GLU A 167 5.67 -7.92 -13.20
CA GLU A 167 6.38 -8.01 -14.47
C GLU A 167 5.65 -7.29 -15.57
N ASP A 168 4.34 -7.14 -15.43
CA ASP A 168 3.51 -6.46 -16.43
C ASP A 168 3.27 -4.99 -16.09
N MET A 169 3.86 -4.53 -14.97
CA MET A 169 3.75 -3.15 -14.52
C MET A 169 2.37 -2.79 -13.97
N HIS A 170 1.65 -3.81 -13.49
CA HIS A 170 0.49 -3.57 -12.65
C HIS A 170 0.92 -3.47 -11.20
N ILE A 171 0.16 -2.74 -10.40
CA ILE A 171 0.54 -2.55 -9.01
C ILE A 171 0.30 -3.80 -8.19
N GLN A 172 1.08 -3.90 -7.12
CA GLN A 172 0.98 -4.97 -6.16
C GLN A 172 1.19 -4.30 -4.83
N ILE A 173 0.10 -4.02 -4.12
CA ILE A 173 0.23 -3.39 -2.81
C ILE A 173 0.71 -4.37 -1.74
N THR A 174 1.65 -3.92 -0.92
CA THR A 174 2.25 -4.81 0.02
C THR A 174 2.39 -4.14 1.38
N ASP A 175 2.99 -4.91 2.29
CA ASP A 175 3.30 -4.50 3.66
C ASP A 175 2.07 -4.31 4.53
N PHE A 176 1.60 -5.42 5.09
CA PHE A 176 0.40 -5.42 5.89
C PHE A 176 0.67 -5.53 7.37
N GLY A 177 1.92 -5.25 7.76
CA GLY A 177 2.30 -5.24 9.16
C GLY A 177 1.57 -4.19 9.97
N THR A 178 1.15 -3.10 9.31
CA THR A 178 0.43 -2.03 9.97
C THR A 178 -1.07 -2.07 9.72
N ALA A 179 -1.54 -3.09 8.99
CA ALA A 179 -2.96 -3.16 8.65
C ALA A 179 -3.80 -3.45 9.89
N LYS A 180 -5.09 -3.12 9.81
CA LYS A 180 -5.99 -3.31 10.93
C LYS A 180 -7.29 -3.86 10.36
N VAL A 181 -7.78 -4.96 10.92
CA VAL A 181 -9.10 -5.45 10.57
C VAL A 181 -10.10 -4.78 11.52
N LEU A 182 -11.01 -4.00 10.96
CA LEU A 182 -11.97 -3.28 11.79
C LEU A 182 -13.13 -4.18 12.21
N SER A 183 -13.74 -3.87 13.35
CA ALA A 189 -14.89 1.78 12.94
C ALA A 189 -13.58 2.55 12.92
N ARG A 190 -12.91 2.62 14.08
CA ARG A 190 -11.63 3.31 14.20
C ARG A 190 -10.52 2.43 14.78
N ALA A 191 -9.28 2.85 14.56
CA ALA A 191 -8.11 2.12 15.01
C ALA A 191 -7.18 3.06 15.77
N ASN A 192 -6.60 2.61 16.88
CA ASN A 192 -5.92 3.54 17.81
C ASN A 192 -4.39 3.54 17.81
N PHE A 194 -0.61 4.22 16.78
CA PHE A 194 0.04 5.25 16.00
C PHE A 194 1.08 4.59 15.13
N VAL A 195 0.69 4.31 13.90
CA VAL A 195 1.54 3.68 12.91
C VAL A 195 1.44 4.43 11.60
N GLY A 196 2.43 4.22 10.75
CA GLY A 196 2.42 4.80 9.43
C GLY A 196 3.72 5.51 9.14
N THR A 197 3.68 6.37 8.13
CA THR A 197 4.84 7.11 7.65
C THR A 197 4.42 8.58 7.63
N ALA A 198 5.22 9.44 8.26
CA ALA A 198 4.82 10.82 8.54
C ALA A 198 4.21 11.55 7.34
N GLN A 199 4.86 11.47 6.18
CA GLN A 199 4.39 12.19 5.01
C GLN A 199 2.94 11.85 4.61
N TYR A 200 2.48 10.67 4.99
CA TYR A 200 1.20 10.14 4.53
C TYR A 200 0.18 9.99 5.64
N VAL A 201 0.56 10.38 6.85
CA VAL A 201 -0.29 10.26 8.02
C VAL A 201 -1.47 11.21 7.96
N SER A 202 -2.66 10.72 8.32
CA SER A 202 -3.88 11.52 8.25
C SER A 202 -3.98 12.46 9.48
N PRO A 203 -4.71 13.57 9.31
CA PRO A 203 -4.83 14.51 10.43
C PRO A 203 -5.59 13.90 11.61
N GLU A 204 -6.58 13.05 11.34
CA GLU A 204 -7.34 12.43 12.42
C GLU A 204 -6.43 11.56 13.30
N LEU A 205 -5.42 10.92 12.71
CA LEU A 205 -4.51 10.13 13.53
C LEU A 205 -3.68 11.05 14.44
N LEU A 206 -3.40 12.26 13.97
CA LEU A 206 -2.67 13.23 14.76
C LEU A 206 -3.54 13.94 15.81
N THR A 207 -4.76 14.33 15.44
CA THR A 207 -5.61 15.08 16.36
C THR A 207 -6.60 14.22 17.16
N GLU A 208 -7.16 13.19 16.54
CA GLU A 208 -8.08 12.29 17.23
C GLU A 208 -7.35 11.06 17.77
N LYS A 209 -6.10 10.88 17.36
CA LYS A 209 -5.31 9.72 17.77
C LYS A 209 -5.93 8.40 17.29
N SER A 210 -6.76 8.46 16.26
CA SER A 210 -7.32 7.24 15.67
C SER A 210 -7.40 7.36 14.16
N ALA A 211 -7.36 6.21 13.48
CA ALA A 211 -7.48 6.15 12.03
C ALA A 211 -8.72 5.35 11.64
N CYS A 212 -9.14 5.48 10.38
CA CYS A 212 -10.30 4.78 9.85
C CYS A 212 -10.04 4.53 8.38
N LYS A 213 -11.00 3.95 7.66
CA LYS A 213 -10.74 3.65 6.25
C LYS A 213 -10.40 4.93 5.52
N SER A 214 -11.07 6.00 5.92
CA SER A 214 -10.85 7.28 5.25
C SER A 214 -9.41 7.76 5.40
N SER A 215 -8.70 7.25 6.40
CA SER A 215 -7.29 7.62 6.55
C SER A 215 -6.50 7.14 5.34
N ASP A 216 -6.89 6.01 4.74
CA ASP A 216 -6.18 5.54 3.55
C ASP A 216 -6.48 6.45 2.35
N LEU A 217 -7.67 7.07 2.33
CA LEU A 217 -8.01 7.98 1.23
C LEU A 217 -7.19 9.27 1.31
N TRP A 218 -6.88 9.69 2.53
CA TRP A 218 -5.98 10.80 2.71
C TRP A 218 -4.61 10.46 2.07
N ALA A 219 -4.09 9.28 2.40
CA ALA A 219 -2.83 8.82 1.83
C ALA A 219 -2.91 8.79 0.31
N LEU A 220 -4.03 8.30 -0.22
CA LEU A 220 -4.26 8.30 -1.67
C LEU A 220 -4.08 9.69 -2.25
N GLY A 221 -4.67 10.70 -1.60
CA GLY A 221 -4.53 12.07 -2.06
C GLY A 221 -3.08 12.52 -2.06
N CYS A 222 -2.35 12.16 -1.02
CA CYS A 222 -0.91 12.43 -0.94
C CYS A 222 -0.15 11.78 -2.10
N ILE A 223 -0.51 10.53 -2.41
CA ILE A 223 0.13 9.78 -3.48
C ILE A 223 -0.13 10.38 -4.85
N ILE A 224 -1.40 10.71 -5.13
CA ILE A 224 -1.72 11.33 -6.40
C ILE A 224 -0.92 12.61 -6.57
N TYR A 225 -0.88 13.44 -5.53
CA TYR A 225 -0.12 14.67 -5.58
C TYR A 225 1.35 14.39 -5.88
N GLN A 226 1.88 13.33 -5.27
CA GLN A 226 3.28 12.95 -5.45
C GLN A 226 3.57 12.50 -6.88
N LEU A 227 2.63 11.76 -7.48
CA LEU A 227 2.80 11.27 -8.85
C LEU A 227 2.96 12.43 -9.82
N VAL A 228 2.22 13.50 -9.55
CA VAL A 228 2.16 14.64 -10.45
C VAL A 228 3.29 15.62 -10.12
N ALA A 229 3.50 15.86 -8.83
CA ALA A 229 4.41 16.93 -8.40
C ALA A 229 5.82 16.46 -8.04
N GLY A 230 6.00 15.16 -7.82
CA GLY A 230 7.32 14.59 -7.57
C GLY A 230 7.59 14.27 -6.11
N LEU A 231 6.98 15.04 -5.22
CA LEU A 231 7.11 14.82 -3.78
C LEU A 231 5.72 14.91 -3.20
N PRO A 232 5.50 14.29 -2.04
CA PRO A 232 4.18 14.41 -1.43
C PRO A 232 3.97 15.84 -0.90
N PRO A 233 2.70 16.18 -0.58
CA PRO A 233 2.40 17.61 -0.37
C PRO A 233 2.91 18.20 0.93
N PHE A 234 3.03 17.38 1.98
CA PHE A 234 3.54 17.83 3.26
C PHE A 234 4.95 17.25 3.40
N ARG A 235 5.93 18.09 3.16
CA ARG A 235 7.31 17.63 3.15
C ARG A 235 8.17 18.42 4.14
N ALA A 236 9.06 17.71 4.82
CA ALA A 236 10.09 18.32 5.65
C ALA A 236 11.10 17.25 6.06
N GLY A 237 12.22 17.67 6.62
CA GLY A 237 13.25 16.75 7.04
C GLY A 237 13.09 16.34 8.49
N ASN A 238 11.96 16.72 9.07
CA ASN A 238 11.65 16.40 10.46
C ASN A 238 10.16 16.06 10.54
N GLU A 239 9.84 14.97 11.22
CA GLU A 239 8.45 14.54 11.29
C GLU A 239 7.56 15.57 11.96
N GLY A 240 8.08 16.25 12.96
CA GLY A 240 7.30 17.21 13.72
C GLY A 240 6.80 18.33 12.81
N LEU A 241 7.70 18.79 11.95
CA LEU A 241 7.36 19.85 10.99
C LEU A 241 6.24 19.40 10.06
N ILE A 242 6.32 18.15 9.59
CA ILE A 242 5.29 17.59 8.73
C ILE A 242 3.95 17.52 9.45
N PHE A 243 3.95 17.03 10.70
CA PHE A 243 2.71 16.92 11.44
C PHE A 243 2.03 18.29 11.59
N ALA A 244 2.80 19.32 11.89
CA ALA A 244 2.23 20.66 12.09
C ALA A 244 1.52 21.14 10.82
N LYS A 245 2.06 20.79 9.66
CA LYS A 245 1.45 21.19 8.39
C LYS A 245 0.20 20.36 8.07
N ILE A 246 0.27 19.05 8.30
CA ILE A 246 -0.88 18.19 8.06
C ILE A 246 -2.13 18.69 8.79
N ILE A 247 -1.99 19.00 10.08
CA ILE A 247 -3.17 19.33 10.89
C ILE A 247 -3.77 20.68 10.53
N LYS A 248 -3.01 21.50 9.82
CA LYS A 248 -3.50 22.79 9.33
C LYS A 248 -3.78 22.80 7.83
N LEU A 249 -3.69 21.65 7.18
CA LEU A 249 -3.83 21.54 5.73
C LEU A 249 -2.93 22.55 5.02
N GLU A 250 -1.67 22.61 5.48
CA GLU A 250 -0.72 23.56 4.94
C GLU A 250 0.03 22.94 3.79
N TYR A 251 -0.52 23.07 2.59
CA TYR A 251 0.15 22.68 1.37
C TYR A 251 -0.41 23.54 0.24
N ASP A 252 0.23 23.48 -0.92
CA ASP A 252 -0.34 24.14 -2.09
C ASP A 252 0.10 23.38 -3.33
N PHE A 253 -0.50 23.72 -4.45
CA PHE A 253 -0.20 23.03 -5.70
C PHE A 253 0.82 23.83 -6.49
N PRO A 254 1.77 23.12 -7.12
CA PRO A 254 2.65 23.74 -8.11
C PRO A 254 1.86 24.20 -9.33
N GLU A 255 2.49 24.98 -10.20
N GLU A 255 2.48 25.02 -10.17
CA GLU A 255 1.87 25.32 -11.48
CA GLU A 255 1.78 25.70 -11.25
C GLU A 255 1.80 24.07 -12.36
C GLU A 255 1.10 24.78 -12.26
N LYS A 256 0.85 24.06 -13.28
N LYS A 256 1.84 23.77 -12.73
CA LYS A 256 0.72 23.02 -14.30
CA LYS A 256 1.38 22.93 -13.84
C LYS A 256 0.21 21.69 -13.76
C LYS A 256 0.80 21.60 -13.39
N PHE A 257 -0.13 21.65 -12.47
N PHE A 257 -0.10 21.66 -12.43
CA PHE A 257 -0.73 20.47 -11.89
C PHE A 257 -2.05 20.17 -12.64
N PHE A 258 -2.18 18.97 -13.20
CA PHE A 258 -3.36 18.65 -14.02
C PHE A 258 -4.64 19.09 -13.30
N PRO A 259 -5.50 19.85 -13.99
CA PRO A 259 -6.65 20.42 -13.26
C PRO A 259 -7.60 19.38 -12.64
N LYS A 260 -7.90 18.29 -13.34
CA LYS A 260 -8.82 17.29 -12.78
C LYS A 260 -8.21 16.52 -11.63
N ALA A 261 -6.89 16.35 -11.65
CA ALA A 261 -6.19 15.70 -10.55
C ALA A 261 -6.17 16.63 -9.35
N ARG A 262 -6.03 17.93 -9.59
CA ARG A 262 -6.07 18.89 -8.50
C ARG A 262 -7.42 18.82 -7.79
N ASP A 263 -8.50 18.83 -8.57
CA ASP A 263 -9.83 18.76 -8.01
C ASP A 263 -9.99 17.51 -7.16
N LEU A 264 -9.55 16.38 -7.69
CA LEU A 264 -9.60 15.13 -6.95
C LEU A 264 -8.78 15.20 -5.65
N VAL A 265 -7.56 15.71 -5.74
CA VAL A 265 -6.72 15.82 -4.55
C VAL A 265 -7.41 16.69 -3.51
N GLU A 266 -8.02 17.79 -3.96
CA GLU A 266 -8.72 18.68 -3.04
C GLU A 266 -9.92 18.01 -2.39
N LYS A 267 -10.44 16.95 -3.00
CA LYS A 267 -11.58 16.24 -2.44
C LYS A 267 -11.15 15.08 -1.56
N LEU A 268 -9.83 14.82 -1.53
CA LEU A 268 -9.26 13.77 -0.69
C LEU A 268 -8.51 14.35 0.52
N LEU A 269 -7.77 15.43 0.29
CA LEU A 269 -7.03 16.09 1.37
C LEU A 269 -7.96 17.04 2.08
N VAL A 270 -8.83 16.44 2.87
CA VAL A 270 -9.84 17.17 3.60
C VAL A 270 -9.66 16.78 5.06
N LEU A 271 -9.62 17.76 5.95
CA LEU A 271 -9.35 17.48 7.35
C LEU A 271 -10.41 16.59 7.99
N ASP A 272 -11.68 16.89 7.73
CA ASP A 272 -12.80 16.07 8.22
C ASP A 272 -12.82 14.77 7.45
N ALA A 273 -12.51 13.67 8.13
CA ALA A 273 -12.39 12.36 7.50
C ALA A 273 -13.74 11.85 6.95
N THR A 274 -14.85 12.45 7.38
CA THR A 274 -16.17 12.02 6.89
C THR A 274 -16.58 12.76 5.61
N LYS A 275 -15.70 13.63 5.10
CA LYS A 275 -16.00 14.44 3.94
C LYS A 275 -15.08 14.13 2.77
N ARG A 276 -14.31 13.06 2.86
CA ARG A 276 -13.41 12.68 1.77
C ARG A 276 -14.12 11.82 0.74
N LEU A 277 -13.91 12.16 -0.52
CA LEU A 277 -14.49 11.36 -1.59
C LEU A 277 -13.99 9.93 -1.49
N GLY A 278 -14.94 8.99 -1.47
CA GLY A 278 -14.60 7.59 -1.27
C GLY A 278 -14.92 7.05 0.10
N CYS A 279 -15.09 7.91 1.10
CA CYS A 279 -15.32 7.42 2.46
C CYS A 279 -16.75 6.92 2.65
N GLU A 280 -16.99 6.16 3.71
CA GLU A 280 -18.32 5.56 3.89
C GLU A 280 -19.39 6.64 4.02
N GLU A 281 -19.10 7.70 4.76
CA GLU A 281 -20.09 8.76 4.97
C GLU A 281 -20.42 9.52 3.68
N MET A 282 -19.55 9.41 2.67
CA MET A 282 -19.78 10.00 1.34
C MET A 282 -20.21 8.92 0.33
N GLU A 283 -20.61 7.77 0.86
CA GLU A 283 -21.21 6.68 0.08
C GLU A 283 -20.23 5.89 -0.76
N GLY A 284 -18.96 5.91 -0.36
CA GLY A 284 -18.04 4.89 -0.80
C GLY A 284 -17.42 5.11 -2.16
N TYR A 285 -17.06 4.00 -2.80
CA TYR A 285 -16.21 4.08 -3.98
C TYR A 285 -16.87 4.46 -5.29
N GLY A 286 -18.18 4.24 -5.42
CA GLY A 286 -18.87 4.63 -6.65
C GLY A 286 -18.62 6.09 -7.01
N PRO A 287 -18.87 6.99 -6.05
CA PRO A 287 -18.66 8.40 -6.36
C PRO A 287 -17.19 8.75 -6.65
N LEU A 288 -16.26 8.08 -5.99
CA LEU A 288 -14.84 8.29 -6.25
C LEU A 288 -14.46 7.85 -7.67
N LYS A 289 -14.90 6.66 -8.06
CA LYS A 289 -14.59 6.14 -9.38
C LYS A 289 -15.25 6.99 -10.46
N ALA A 290 -16.33 7.68 -10.08
CA ALA A 290 -17.06 8.54 -11.00
C ALA A 290 -16.41 9.91 -11.19
N HIS A 291 -15.30 10.19 -10.50
CA HIS A 291 -14.70 11.51 -10.57
C HIS A 291 -14.25 11.74 -12.00
N PRO A 292 -14.38 12.98 -12.50
CA PRO A 292 -14.00 13.29 -13.90
C PRO A 292 -12.56 12.91 -14.30
N PHE A 293 -11.64 12.91 -13.35
CA PHE A 293 -10.26 12.46 -13.58
C PHE A 293 -10.20 11.04 -14.17
N PHE A 294 -11.16 10.21 -13.79
CA PHE A 294 -11.22 8.82 -14.25
C PHE A 294 -12.17 8.62 -15.42
N GLU A 295 -12.57 9.70 -16.08
CA GLU A 295 -13.56 9.62 -17.14
C GLU A 295 -13.23 8.53 -18.15
N SER A 296 -11.96 8.46 -18.53
CA SER A 296 -11.54 7.56 -19.61
C SER A 296 -11.25 6.15 -19.14
N VAL A 297 -11.36 5.90 -17.84
CA VAL A 297 -10.97 4.62 -17.27
C VAL A 297 -12.06 3.56 -17.42
N THR A 298 -11.65 2.40 -17.93
CA THR A 298 -12.51 1.22 -17.89
C THR A 298 -12.13 0.42 -16.65
N TRP A 299 -13.00 0.44 -15.64
CA TRP A 299 -12.66 -0.15 -14.34
C TRP A 299 -12.67 -1.68 -14.31
N GLU A 300 -13.61 -2.28 -15.02
CA GLU A 300 -13.89 -3.71 -14.86
C GLU A 300 -12.70 -4.65 -15.12
N ASN A 301 -11.79 -4.28 -16.01
CA ASN A 301 -10.71 -5.20 -16.39
C ASN A 301 -9.34 -4.56 -16.35
N LEU A 302 -9.16 -3.61 -15.43
CA LEU A 302 -7.90 -2.88 -15.33
C LEU A 302 -6.70 -3.82 -15.27
N HIS A 303 -6.81 -4.92 -14.53
CA HIS A 303 -5.67 -5.81 -14.32
C HIS A 303 -5.29 -6.57 -15.56
N GLN A 304 -6.15 -6.55 -16.57
CA GLN A 304 -5.88 -7.22 -17.83
C GLN A 304 -5.48 -6.24 -18.93
N GLN A 305 -5.57 -4.95 -18.63
CA GLN A 305 -5.18 -3.92 -19.58
C GLN A 305 -3.65 -3.75 -19.61
N THR A 306 -3.12 -3.26 -20.73
CA THR A 306 -1.69 -2.94 -20.78
C THR A 306 -1.46 -1.56 -20.19
N PRO A 307 -0.65 -1.47 -19.14
CA PRO A 307 -0.43 -0.15 -18.56
C PRO A 307 0.26 0.81 -19.54
N PRO A 308 0.00 2.11 -19.40
CA PRO A 308 0.74 3.08 -20.22
C PRO A 308 2.22 3.06 -19.83
N LYS A 309 3.09 3.35 -20.77
CA LYS A 309 4.52 3.35 -20.48
C LYS A 309 4.87 4.59 -19.65
N LEU A 310 5.74 4.42 -18.65
CA LEU A 310 6.11 5.53 -17.79
C LEU A 310 7.13 6.43 -18.46
N THR A 311 6.78 7.71 -18.63
#